data_2N7M
#
_entry.id   2N7M
#
_entity_poly.entity_id   1
_entity_poly.type   'polyribonucleotide'
_entity_poly.pdbx_seq_one_letter_code
;GGCCUUAUGCACGGGAAAUACGCAUAUCAGUGAGGAUUCGUCCGAGAUUGUGUUUUUGCUGGUGUAAAUCAGCAGUUCCC
CUGCAUAAGGCU
;
_entity_poly.pdbx_strand_id   X
#
loop_
_chem_comp.id
_chem_comp.type
_chem_comp.name
_chem_comp.formula
A RNA linking ADENOSINE-5'-MONOPHOSPHATE 'C10 H14 N5 O7 P'
C RNA linking CYTIDINE-5'-MONOPHOSPHATE 'C9 H14 N3 O8 P'
G RNA linking GUANOSINE-5'-MONOPHOSPHATE 'C10 H14 N5 O8 P'
U RNA linking URIDINE-5'-MONOPHOSPHATE 'C9 H13 N2 O9 P'
#